data_7Q8G
#
_entry.id   7Q8G
#
_cell.length_a   94.03
_cell.length_b   94.03
_cell.length_c   125.68
_cell.angle_alpha   90.00
_cell.angle_beta   90.00
_cell.angle_gamma   90.00
#
_symmetry.space_group_name_H-M   'P 43 21 2'
#
loop_
_entity.id
_entity.type
_entity.pdbx_description
1 polymer 'Cathepsin L2'
2 polymer 'ALAASS Peptide'
3 polymer 'EYS Peptide'
4 non-polymer 'CHLORIDE ION'
5 non-polymer (4S)-2-METHYL-2,4-PENTANEDIOL
6 non-polymer GLYCEROL
7 water water
#
loop_
_entity_poly.entity_id
_entity_poly.type
_entity_poly.pdbx_seq_one_letter_code
_entity_poly.pdbx_strand_id
1 'polypeptide(L)'
;DLPKSVDWRKKGYVTPVKNQKQCGSSWAFSATGALEGQMFRKTGKLVSLSEQNLVDCSRPQGNQGCNGGFMARAFQYVKE
NGGLDSEESYPYVAVDEICKYRPENSVAQDTGFTVVAPGKEKALMKAVATVGPISVAMDAGHSSFQFYKSGIYFEPDCSS
KNLDHGVLVVGYGFEGANSQNSKYWLVKNSWGPEWGSNGYVKIAKDKNNHCGIATAASYPNV
;
AA,BA
2 'polypeptide(L)' ALAASS PA
3 'polypeptide(L)' EYS PB
#
loop_
_chem_comp.id
_chem_comp.type
_chem_comp.name
_chem_comp.formula
CL non-polymer 'CHLORIDE ION' 'Cl -1'
GOL non-polymer GLYCEROL 'C3 H8 O3'
MPD non-polymer (4S)-2-METHYL-2,4-PENTANEDIOL 'C6 H14 O2'
#
# COMPACT_ATOMS: atom_id res chain seq x y z
N ASP A 1 10.23 -21.13 13.57
CA ASP A 1 10.75 -19.78 13.74
C ASP A 1 9.87 -18.69 13.10
N LEU A 2 10.46 -17.50 12.91
CA LEU A 2 9.73 -16.39 12.33
C LEU A 2 9.82 -16.32 10.81
N PRO A 3 8.82 -15.72 10.17
CA PRO A 3 8.88 -15.61 8.72
C PRO A 3 10.10 -14.81 8.23
N LYS A 4 10.54 -15.04 7.00
CA LYS A 4 11.69 -14.29 6.48
C LYS A 4 11.30 -12.85 6.12
N SER A 5 10.00 -12.64 5.84
CA SER A 5 9.53 -11.28 5.56
C SER A 5 8.04 -11.20 5.94
N VAL A 6 7.55 -9.99 6.28
CA VAL A 6 6.14 -9.79 6.68
C VAL A 6 5.70 -8.50 6.11
N ASP A 7 4.45 -8.42 5.62
CA ASP A 7 3.94 -7.15 5.11
C ASP A 7 2.44 -7.09 5.40
N TRP A 8 2.05 -6.52 6.58
CA TRP A 8 0.65 -6.47 6.97
C TRP A 8 -0.24 -5.68 5.99
N ARG A 9 0.35 -4.79 5.14
CA ARG A 9 -0.47 -4.09 4.15
C ARG A 9 -1.15 -5.06 3.20
N LYS A 10 -0.49 -6.20 2.96
CA LYS A 10 -0.96 -7.23 2.04
C LYS A 10 -2.06 -8.09 2.64
N LYS A 11 -2.37 -7.87 3.91
CA LYS A 11 -3.42 -8.63 4.58
C LYS A 11 -4.58 -7.80 5.03
N GLY A 12 -4.55 -6.50 4.74
CA GLY A 12 -5.68 -5.63 5.00
C GLY A 12 -5.68 -4.90 6.32
N TYR A 13 -4.54 -4.97 7.02
CA TYR A 13 -4.41 -4.37 8.34
C TYR A 13 -4.09 -2.89 8.33
N VAL A 14 -3.80 -2.30 7.16
CA VAL A 14 -3.30 -0.92 7.16
C VAL A 14 -4.06 0.03 6.34
N THR A 15 -4.41 1.19 6.91
CA THR A 15 -5.13 2.14 6.11
C THR A 15 -4.20 2.95 5.18
N PRO A 16 -4.73 3.68 4.18
CA PRO A 16 -3.90 4.49 3.27
C PRO A 16 -3.07 5.46 4.10
N VAL A 17 -2.00 6.00 3.51
CA VAL A 17 -1.11 6.94 4.18
C VAL A 17 -1.81 8.25 4.45
N LYS A 18 -1.61 8.82 5.63
CA LYS A 18 -2.24 10.07 6.05
C LYS A 18 -1.18 11.16 6.12
N ASN A 19 -1.60 12.38 6.44
CA ASN A 19 -0.67 13.48 6.47
C ASN A 19 -0.88 14.34 7.73
N GLN A 20 0.10 14.38 8.63
CA GLN A 20 -0.04 15.18 9.85
C GLN A 20 0.10 16.68 9.59
N LYS A 21 0.54 17.07 8.38
CA LYS A 21 0.72 18.49 8.06
C LYS A 21 1.59 19.20 9.07
N GLN A 22 1.33 20.49 9.35
CA GLN A 22 2.21 21.21 10.26
C GLN A 22 1.80 21.13 11.71
N CYS A 23 1.74 19.93 12.23
CA CYS A 23 1.34 19.72 13.61
C CYS A 23 2.19 18.59 14.12
N GLY A 24 2.76 18.72 15.33
CA GLY A 24 3.65 17.69 15.87
C GLY A 24 2.88 16.52 16.45
N SER A 25 2.07 15.88 15.60
CA SER A 25 1.21 14.79 16.05
C SER A 25 1.59 13.39 15.49
N SER A 26 2.87 13.16 15.10
CA SER A 26 3.24 11.86 14.54
C SER A 26 2.90 10.78 15.53
N TRP A 27 3.12 11.09 16.85
CA TRP A 27 2.80 10.15 17.92
C TRP A 27 1.36 9.66 17.78
N ALA A 28 0.44 10.57 17.37
CA ALA A 28 -0.94 10.12 17.25
C ALA A 28 -1.18 9.29 16.03
N PHE A 29 -0.48 9.61 14.92
CA PHE A 29 -0.67 8.81 13.72
C PHE A 29 -0.10 7.39 13.96
N SER A 30 1.01 7.32 14.67
CA SER A 30 1.61 6.02 14.96
C SER A 30 0.65 5.17 15.82
N ALA A 31 0.08 5.80 16.89
CA ALA A 31 -0.84 5.15 17.83
C ALA A 31 -2.11 4.71 17.08
N THR A 32 -2.71 5.57 16.22
CA THR A 32 -3.90 5.07 15.49
C THR A 32 -3.54 3.96 14.49
N GLY A 33 -2.38 4.04 13.81
CA GLY A 33 -1.99 2.96 12.90
C GLY A 33 -1.97 1.61 13.65
N ALA A 34 -1.35 1.60 14.83
CA ALA A 34 -1.24 0.34 15.58
C ALA A 34 -2.62 -0.16 16.03
N LEU A 35 -3.49 0.77 16.43
CA LEU A 35 -4.84 0.44 16.87
C LEU A 35 -5.69 0.02 15.70
N GLU A 36 -5.45 0.64 14.54
CA GLU A 36 -6.20 0.21 13.35
C GLU A 36 -5.91 -1.28 12.96
N GLY A 37 -4.67 -1.71 13.09
CA GLY A 37 -4.31 -3.08 12.73
C GLY A 37 -4.88 -4.04 13.76
N GLN A 38 -4.82 -3.68 15.07
CA GLN A 38 -5.36 -4.58 16.09
C GLN A 38 -6.88 -4.71 16.03
N MET A 39 -7.59 -3.61 15.76
CA MET A 39 -9.02 -3.76 15.66
C MET A 39 -9.34 -4.59 14.44
N PHE A 40 -8.50 -4.47 13.41
CA PHE A 40 -8.78 -5.26 12.23
C PHE A 40 -8.57 -6.73 12.51
N ARG A 41 -7.58 -7.02 13.30
CA ARG A 41 -7.29 -8.40 13.60
C ARG A 41 -8.43 -9.03 14.38
N LYS A 42 -8.98 -8.25 15.28
CA LYS A 42 -10.07 -8.69 16.13
C LYS A 42 -11.43 -8.78 15.45
N THR A 43 -11.74 -7.85 14.55
CA THR A 43 -13.08 -7.80 13.97
C THR A 43 -13.16 -8.00 12.48
N GLY A 44 -12.03 -7.95 11.76
CA GLY A 44 -12.12 -8.14 10.33
C GLY A 44 -12.56 -6.88 9.61
N LYS A 45 -12.72 -5.77 10.35
CA LYS A 45 -13.09 -4.52 9.70
C LYS A 45 -12.02 -3.47 9.82
N LEU A 46 -11.68 -2.82 8.69
CA LEU A 46 -10.66 -1.79 8.74
C LEU A 46 -11.31 -0.42 8.81
N VAL A 47 -11.07 0.32 9.87
CA VAL A 47 -11.72 1.62 10.05
C VAL A 47 -10.73 2.68 10.45
N SER A 48 -10.66 3.76 9.68
CA SER A 48 -9.69 4.79 10.01
C SER A 48 -10.02 5.47 11.32
N LEU A 49 -9.07 5.55 12.25
CA LEU A 49 -9.28 6.16 13.57
C LEU A 49 -8.86 7.60 13.65
N SER A 50 -9.40 8.33 14.65
CA SER A 50 -9.11 9.75 14.77
C SER A 50 -7.87 10.21 15.48
N GLU A 51 -6.89 10.70 14.70
CA GLU A 51 -5.74 11.29 15.36
C GLU A 51 -6.17 12.58 16.16
N GLN A 52 -7.15 13.30 15.64
CA GLN A 52 -7.63 14.54 16.25
C GLN A 52 -8.19 14.28 17.66
N ASN A 53 -8.87 13.16 17.80
CA ASN A 53 -9.44 12.76 19.09
C ASN A 53 -8.30 12.73 20.10
N LEU A 54 -7.15 12.18 19.67
CA LEU A 54 -5.98 12.04 20.53
C LEU A 54 -5.29 13.35 20.82
N VAL A 55 -5.13 14.17 19.78
CA VAL A 55 -4.48 15.45 19.91
C VAL A 55 -5.29 16.33 20.91
N ASP A 56 -6.59 16.38 20.72
CA ASP A 56 -7.44 17.22 21.56
C ASP A 56 -7.70 16.76 23.01
N CYS A 57 -7.70 15.44 23.28
CA CYS A 57 -8.11 14.93 24.60
C CYS A 57 -7.12 14.22 25.54
N SER A 58 -5.90 13.98 25.10
CA SER A 58 -5.01 13.19 25.94
C SER A 58 -3.96 13.99 26.66
N ARG A 59 -4.24 15.28 26.91
CA ARG A 59 -3.26 16.08 27.63
C ARG A 59 -3.07 15.55 29.04
N PRO A 60 -4.15 15.07 29.64
CA PRO A 60 -4.01 14.53 31.00
C PRO A 60 -3.01 13.37 31.12
N GLN A 61 -2.88 12.54 30.05
CA GLN A 61 -1.98 11.39 30.05
C GLN A 61 -0.57 11.81 29.78
N GLY A 62 -0.42 13.09 29.57
CA GLY A 62 0.91 13.60 29.34
C GLY A 62 1.25 13.92 27.91
N ASN A 63 0.27 13.91 27.00
CA ASN A 63 0.54 14.30 25.61
C ASN A 63 0.34 15.84 25.53
N GLN A 64 0.77 16.46 24.44
CA GLN A 64 0.74 17.93 24.30
C GLN A 64 0.26 18.37 22.94
N GLY A 65 -0.74 17.65 22.44
CA GLY A 65 -1.32 17.93 21.13
C GLY A 65 -0.37 18.06 19.95
N CYS A 66 -0.41 19.21 19.26
CA CYS A 66 0.48 19.49 18.13
C CYS A 66 1.88 19.84 18.63
N ASN A 67 2.08 19.82 19.96
CA ASN A 67 3.44 20.10 20.45
C ASN A 67 4.17 18.84 20.83
N GLY A 68 3.61 17.68 20.52
CA GLY A 68 4.35 16.47 20.79
C GLY A 68 3.60 15.55 21.73
N GLY A 69 4.12 14.34 21.82
CA GLY A 69 3.46 13.33 22.60
C GLY A 69 4.15 12.00 22.39
N PHE A 70 3.54 10.95 22.92
CA PHE A 70 4.09 9.59 22.90
C PHE A 70 3.00 8.56 22.68
N MET A 71 3.29 7.54 21.86
CA MET A 71 2.30 6.49 21.58
C MET A 71 1.84 5.77 22.83
N ALA A 72 2.75 5.54 23.78
CA ALA A 72 2.24 4.82 24.93
C ALA A 72 1.23 5.66 25.71
N ARG A 73 1.44 7.00 25.82
CA ARG A 73 0.50 7.82 26.56
C ARG A 73 -0.83 7.81 25.82
N ALA A 74 -0.82 7.57 24.50
CA ALA A 74 -2.08 7.56 23.76
C ALA A 74 -2.85 6.27 23.94
N PHE A 75 -2.12 5.15 24.05
CA PHE A 75 -2.87 3.91 24.29
C PHE A 75 -3.40 4.06 25.73
N GLN A 76 -2.60 4.70 26.59
CA GLN A 76 -3.06 4.86 27.97
C GLN A 76 -4.32 5.69 28.00
N TYR A 77 -4.40 6.75 27.17
CA TYR A 77 -5.62 7.53 27.11
C TYR A 77 -6.80 6.75 26.59
N VAL A 78 -6.64 5.89 25.54
CA VAL A 78 -7.80 5.16 24.99
C VAL A 78 -8.30 4.19 26.06
N LYS A 79 -7.38 3.72 26.88
CA LYS A 79 -7.76 2.81 27.94
C LYS A 79 -8.47 3.58 29.06
N GLU A 80 -7.88 4.68 29.58
CA GLU A 80 -8.55 5.39 30.69
C GLU A 80 -9.86 6.01 30.29
N ASN A 81 -9.93 6.37 29.03
CA ASN A 81 -11.09 7.00 28.44
C ASN A 81 -12.14 6.04 28.00
N GLY A 82 -11.75 4.76 27.84
CA GLY A 82 -12.70 3.73 27.43
C GLY A 82 -13.08 3.75 25.97
N GLY A 83 -12.29 4.38 25.09
CA GLY A 83 -12.73 4.39 23.70
C GLY A 83 -11.98 5.40 22.86
N LEU A 84 -12.30 5.42 21.57
CA LEU A 84 -11.63 6.30 20.60
C LEU A 84 -12.51 6.44 19.36
N ASP A 85 -12.76 7.66 18.92
CA ASP A 85 -13.62 7.80 17.73
C ASP A 85 -12.98 7.54 16.32
N SER A 86 -13.81 7.39 15.28
CA SER A 86 -13.35 7.21 13.90
C SER A 86 -12.95 8.59 13.33
N GLU A 87 -12.14 8.59 12.23
CA GLU A 87 -11.68 9.77 11.53
C GLU A 87 -12.90 10.44 10.96
N GLU A 88 -13.79 9.63 10.37
CA GLU A 88 -15.02 10.14 9.82
C GLU A 88 -15.84 10.89 10.85
N SER A 89 -15.72 10.59 12.15
CA SER A 89 -16.61 11.30 13.10
C SER A 89 -15.92 12.42 13.81
N TYR A 90 -14.59 12.42 13.74
CA TYR A 90 -13.75 13.36 14.45
C TYR A 90 -12.51 13.56 13.53
N PRO A 91 -12.72 14.33 12.45
CA PRO A 91 -11.76 14.67 11.39
C PRO A 91 -10.54 15.39 11.85
N TYR A 92 -9.49 15.18 11.06
CA TYR A 92 -8.21 15.76 11.38
C TYR A 92 -8.10 17.12 10.75
N VAL A 93 -7.72 18.12 11.57
CA VAL A 93 -7.60 19.51 11.15
C VAL A 93 -6.22 20.08 11.47
N ALA A 94 -5.35 19.26 12.07
CA ALA A 94 -3.97 19.68 12.32
C ALA A 94 -3.72 20.89 13.21
N VAL A 95 -4.62 21.15 14.18
CA VAL A 95 -4.39 22.22 15.13
C VAL A 95 -5.03 21.74 16.45
N ASP A 96 -4.52 22.22 17.57
CA ASP A 96 -5.09 21.85 18.86
C ASP A 96 -6.49 22.45 19.00
N GLU A 97 -7.52 21.62 19.20
CA GLU A 97 -8.88 22.08 19.41
C GLU A 97 -9.50 21.51 20.68
N ILE A 98 -10.77 21.91 20.91
CA ILE A 98 -11.56 21.47 22.05
C ILE A 98 -11.78 20.00 22.06
N CYS A 99 -11.43 19.32 23.13
CA CYS A 99 -11.77 17.88 23.17
C CYS A 99 -13.27 17.61 22.85
N LYS A 100 -13.57 16.94 21.72
CA LYS A 100 -14.96 16.65 21.39
C LYS A 100 -15.20 15.16 21.36
N TYR A 101 -14.57 14.44 22.28
CA TYR A 101 -14.75 12.99 22.33
C TYR A 101 -16.19 12.59 22.60
N ARG A 102 -16.73 11.74 21.72
CA ARG A 102 -18.09 11.25 21.80
C ARG A 102 -18.13 9.72 21.90
N PRO A 103 -18.52 9.17 23.06
CA PRO A 103 -18.57 7.72 23.23
C PRO A 103 -19.39 6.96 22.20
N GLU A 104 -20.48 7.54 21.74
CA GLU A 104 -21.33 6.89 20.76
C GLU A 104 -20.59 6.77 19.43
N ASN A 105 -19.51 7.55 19.24
CA ASN A 105 -18.77 7.41 17.98
C ASN A 105 -17.49 6.59 18.08
N SER A 106 -17.35 5.87 19.19
CA SER A 106 -16.16 5.06 19.41
C SER A 106 -16.13 3.86 18.51
N VAL A 107 -14.95 3.50 17.97
CA VAL A 107 -14.91 2.28 17.17
C VAL A 107 -13.71 1.43 17.58
N ALA A 108 -13.10 1.83 18.66
CA ALA A 108 -11.97 1.10 19.17
C ALA A 108 -11.80 1.21 20.66
N GLN A 109 -11.16 0.22 21.24
CA GLN A 109 -10.89 0.21 22.66
C GLN A 109 -9.62 -0.55 22.91
N ASP A 110 -9.01 -0.30 24.04
CA ASP A 110 -7.86 -1.10 24.42
C ASP A 110 -7.75 -1.16 25.94
N THR A 111 -7.13 -2.21 26.45
CA THR A 111 -7.05 -2.42 27.90
C THR A 111 -5.69 -2.08 28.41
N GLY A 112 -4.91 -1.43 27.57
CA GLY A 112 -3.56 -1.15 27.97
C GLY A 112 -2.64 -1.47 26.81
N PHE A 113 -1.37 -1.68 27.09
CA PHE A 113 -0.47 -1.89 25.98
C PHE A 113 0.72 -2.75 26.38
N THR A 114 1.35 -3.34 25.38
CA THR A 114 2.54 -4.15 25.57
C THR A 114 3.74 -3.44 24.99
N VAL A 115 4.82 -3.51 25.74
CA VAL A 115 6.09 -2.92 25.39
C VAL A 115 7.06 -3.99 24.90
N VAL A 116 7.90 -3.57 23.97
CA VAL A 116 8.93 -4.41 23.38
C VAL A 116 10.20 -4.04 24.10
N ALA A 117 10.96 -5.02 24.58
CA ALA A 117 12.18 -4.71 25.31
C ALA A 117 13.03 -3.76 24.49
N PRO A 118 13.32 -2.58 25.07
CA PRO A 118 14.13 -1.57 24.41
C PRO A 118 15.47 -2.02 23.84
N GLY A 119 15.69 -1.63 22.58
CA GLY A 119 16.94 -1.95 21.90
C GLY A 119 16.97 -3.34 21.30
N LYS A 120 15.93 -4.13 21.51
CA LYS A 120 15.97 -5.48 20.97
C LYS A 120 15.30 -5.70 19.64
N GLU A 121 16.06 -5.51 18.57
CA GLU A 121 15.50 -5.73 17.24
C GLU A 121 14.92 -7.12 17.05
N LYS A 122 15.44 -8.14 17.72
CA LYS A 122 14.79 -9.42 17.44
C LYS A 122 13.50 -9.55 18.21
N ALA A 123 13.34 -8.79 19.29
CA ALA A 123 12.07 -8.84 20.00
C ALA A 123 11.04 -8.13 19.16
N LEU A 124 11.50 -7.08 18.45
CA LEU A 124 10.61 -6.34 17.57
C LEU A 124 10.19 -7.18 16.39
N MET A 125 11.13 -7.92 15.81
CA MET A 125 10.84 -8.78 14.66
C MET A 125 9.76 -9.74 15.07
N LYS A 126 9.88 -10.24 16.29
CA LYS A 126 8.92 -11.15 16.80
C LYS A 126 7.58 -10.52 17.00
N ALA A 127 7.52 -9.29 17.52
CA ALA A 127 6.22 -8.68 17.72
C ALA A 127 5.56 -8.39 16.35
N VAL A 128 6.33 -7.89 15.38
CA VAL A 128 5.75 -7.57 14.05
C VAL A 128 5.21 -8.87 13.44
N ALA A 129 6.00 -9.96 13.54
CA ALA A 129 5.54 -11.20 12.89
C ALA A 129 4.30 -11.80 13.53
N THR A 130 4.15 -11.65 14.84
CA THR A 130 3.00 -12.34 15.46
C THR A 130 1.79 -11.50 15.86
N VAL A 131 1.92 -10.18 15.87
CA VAL A 131 0.85 -9.32 16.35
C VAL A 131 0.19 -8.46 15.28
N GLY A 132 1.03 -7.76 14.52
CA GLY A 132 0.54 -6.84 13.52
C GLY A 132 1.41 -5.62 13.53
N PRO A 133 0.97 -4.54 12.89
CA PRO A 133 1.79 -3.32 12.87
C PRO A 133 2.13 -2.83 14.30
N ILE A 134 3.38 -2.36 14.48
CA ILE A 134 3.85 -1.95 15.80
C ILE A 134 4.26 -0.46 15.81
N SER A 135 3.81 0.32 16.82
CA SER A 135 4.18 1.77 16.94
C SER A 135 5.60 1.85 17.39
N VAL A 136 6.42 2.69 16.75
CA VAL A 136 7.82 2.84 17.16
C VAL A 136 8.24 4.33 17.05
N ALA A 137 9.33 4.72 17.74
CA ALA A 137 9.87 6.09 17.65
C ALA A 137 11.16 5.93 16.89
N MET A 138 11.55 6.95 16.17
CA MET A 138 12.79 6.91 15.44
C MET A 138 13.39 8.29 15.42
N ASP A 139 14.62 8.35 14.94
CA ASP A 139 15.29 9.63 14.77
C ASP A 139 15.13 10.02 13.29
N ALA A 140 14.19 10.94 13.01
CA ALA A 140 13.92 11.39 11.65
C ALA A 140 14.46 12.80 11.33
N GLY A 141 15.24 13.44 12.23
CA GLY A 141 15.74 14.80 11.98
C GLY A 141 16.92 14.86 11.04
N HIS A 142 16.70 14.52 9.76
CA HIS A 142 17.80 14.49 8.83
C HIS A 142 17.29 14.79 7.49
N SER A 143 18.09 15.55 6.77
CA SER A 143 17.81 15.93 5.41
C SER A 143 17.65 14.71 4.56
N SER A 144 18.49 13.67 4.78
CA SER A 144 18.37 12.49 3.94
C SER A 144 17.00 11.83 4.15
N PHE A 145 16.37 12.02 5.34
CA PHE A 145 15.08 11.39 5.61
C PHE A 145 13.98 12.24 4.94
N GLN A 146 14.12 13.56 5.05
CA GLN A 146 13.14 14.41 4.39
C GLN A 146 13.09 14.15 2.90
N PHE A 147 14.27 13.93 2.32
CA PHE A 147 14.40 13.71 0.88
C PHE A 147 14.42 12.25 0.50
N TYR A 148 14.19 11.35 1.47
CA TYR A 148 14.19 9.95 1.12
C TYR A 148 13.24 9.62 -0.06
N LYS A 149 13.67 8.75 -1.01
CA LYS A 149 12.82 8.33 -2.13
C LYS A 149 12.69 6.81 -2.28
N SER A 150 13.81 6.10 -2.29
CA SER A 150 13.72 4.64 -2.42
C SER A 150 14.89 3.92 -1.82
N GLY A 151 14.87 2.57 -1.82
CA GLY A 151 15.94 1.79 -1.23
C GLY A 151 15.93 1.72 0.29
N ILE A 152 16.96 1.10 0.83
CA ILE A 152 17.10 0.97 2.25
C ILE A 152 17.73 2.22 2.77
N TYR A 153 17.05 2.86 3.71
CA TYR A 153 17.57 4.07 4.30
C TYR A 153 18.58 3.72 5.40
N PHE A 154 19.77 4.30 5.28
CA PHE A 154 20.83 4.16 6.26
C PHE A 154 21.55 5.52 6.32
N GLU A 155 21.49 6.16 7.46
CA GLU A 155 22.08 7.47 7.68
C GLU A 155 23.04 7.44 8.88
N PRO A 156 24.31 7.60 8.60
CA PRO A 156 25.32 7.61 9.67
C PRO A 156 25.03 8.54 10.82
N ASP A 157 24.46 9.73 10.57
CA ASP A 157 24.19 10.68 11.65
C ASP A 157 23.00 10.25 12.51
N CYS A 158 22.37 9.13 12.19
CA CYS A 158 21.22 8.73 12.98
C CYS A 158 21.54 8.34 14.41
N SER A 159 20.63 8.67 15.33
CA SER A 159 20.79 8.28 16.73
C SER A 159 19.81 7.14 17.08
N SER A 160 20.19 6.21 17.96
CA SER A 160 19.33 5.13 18.41
C SER A 160 18.77 5.46 19.75
N LYS A 161 19.11 6.60 20.28
CA LYS A 161 18.66 6.98 21.59
C LYS A 161 17.92 8.28 21.70
N ASN A 162 18.28 9.27 20.93
CA ASN A 162 17.60 10.54 20.97
C ASN A 162 16.63 10.59 19.79
N LEU A 163 15.38 10.29 20.02
CA LEU A 163 14.34 10.19 19.01
C LEU A 163 13.37 11.31 18.94
N ASP A 164 12.80 11.60 17.79
CA ASP A 164 11.90 12.68 17.64
C ASP A 164 10.69 12.43 16.79
N HIS A 165 10.42 11.25 16.38
CA HIS A 165 9.30 11.01 15.48
C HIS A 165 8.65 9.66 15.63
N GLY A 166 7.37 9.61 15.72
CA GLY A 166 6.66 8.36 15.83
C GLY A 166 6.20 7.85 14.50
N VAL A 167 6.38 6.58 14.20
CA VAL A 167 6.00 5.90 12.97
C VAL A 167 5.43 4.52 13.25
N LEU A 168 5.09 3.76 12.24
CA LEU A 168 4.51 2.45 12.38
C LEU A 168 5.27 1.37 11.58
N VAL A 169 5.77 0.31 12.21
CA VAL A 169 6.45 -0.75 11.44
C VAL A 169 5.33 -1.68 10.95
N VAL A 170 5.11 -1.80 9.62
CA VAL A 170 4.03 -2.64 9.09
C VAL A 170 4.62 -3.98 8.63
N GLY A 171 5.92 -4.15 8.79
CA GLY A 171 6.52 -5.40 8.35
C GLY A 171 8.02 -5.34 8.26
N TYR A 172 8.62 -6.33 7.57
CA TYR A 172 10.06 -6.32 7.36
C TYR A 172 10.38 -7.31 6.24
N GLY A 173 11.60 -7.23 5.72
CA GLY A 173 11.99 -8.09 4.63
C GLY A 173 13.46 -7.93 4.32
N PHE A 174 13.80 -8.20 3.09
CA PHE A 174 15.18 -8.13 2.66
C PHE A 174 15.25 -8.03 1.17
N GLU A 175 16.40 -7.61 0.68
CA GLU A 175 16.62 -7.48 -0.75
C GLU A 175 17.53 -8.53 -1.31
N GLY A 176 17.10 -9.23 -2.30
CA GLY A 176 17.95 -10.23 -2.89
C GLY A 176 17.50 -11.62 -2.57
N ALA A 177 18.44 -12.54 -2.44
CA ALA A 177 18.11 -13.91 -2.19
C ALA A 177 18.49 -14.33 -0.84
N ASN A 178 19.52 -13.79 -0.26
CA ASN A 178 19.85 -14.21 1.08
C ASN A 178 18.99 -13.49 2.07
N SER A 179 18.04 -14.18 2.64
CA SER A 179 17.15 -13.59 3.61
C SER A 179 17.88 -13.00 4.78
N GLN A 180 19.17 -13.16 4.84
CA GLN A 180 19.84 -12.64 5.99
C GLN A 180 20.70 -11.50 5.78
N ASN A 181 20.53 -10.79 4.71
CA ASN A 181 21.35 -9.63 4.58
C ASN A 181 20.68 -8.65 3.71
N SER A 182 20.91 -7.37 3.94
CA SER A 182 20.28 -6.37 3.17
C SER A 182 18.87 -6.30 3.70
N LYS A 183 18.71 -6.46 4.97
CA LYS A 183 17.42 -6.47 5.62
C LYS A 183 16.87 -5.09 5.93
N TYR A 184 15.57 -4.99 6.11
CA TYR A 184 14.92 -3.73 6.38
C TYR A 184 13.60 -3.85 7.09
N TRP A 185 13.22 -2.79 7.77
CA TRP A 185 11.94 -2.65 8.43
C TRP A 185 11.08 -1.89 7.43
N LEU A 186 9.82 -2.29 7.25
CA LEU A 186 8.84 -1.64 6.38
C LEU A 186 8.09 -0.64 7.29
N VAL A 187 8.26 0.65 7.03
CA VAL A 187 7.69 1.69 7.90
C VAL A 187 6.77 2.64 7.24
N LYS A 188 5.58 2.78 7.83
CA LYS A 188 4.57 3.75 7.37
C LYS A 188 4.79 5.07 8.06
N ASN A 189 4.92 6.15 7.28
CA ASN A 189 5.08 7.49 7.84
C ASN A 189 3.78 8.27 7.75
N SER A 190 3.74 9.50 8.28
CA SER A 190 2.51 10.28 8.24
C SER A 190 2.74 11.65 7.58
N TRP A 191 3.46 11.64 6.49
CA TRP A 191 3.74 12.86 5.74
C TRP A 191 3.10 12.77 4.35
N GLY A 192 2.04 12.00 4.24
CA GLY A 192 1.33 11.85 2.98
C GLY A 192 1.95 10.86 2.03
N PRO A 193 1.16 10.35 1.11
CA PRO A 193 1.59 9.37 0.12
C PRO A 193 2.63 9.95 -0.79
N GLU A 194 2.76 11.25 -0.85
CA GLU A 194 3.74 11.86 -1.72
C GLU A 194 5.16 11.84 -1.18
N TRP A 195 5.34 11.67 0.11
CA TRP A 195 6.71 11.63 0.64
C TRP A 195 7.27 10.26 0.45
N GLY A 196 8.58 10.14 0.29
CA GLY A 196 9.18 8.81 0.23
C GLY A 196 8.66 7.84 -0.82
N SER A 197 8.52 6.57 -0.46
CA SER A 197 8.02 5.59 -1.44
C SER A 197 6.48 5.34 -1.19
N ASN A 198 5.63 6.18 -1.79
CA ASN A 198 4.18 6.09 -1.61
C ASN A 198 3.84 6.26 -0.09
N GLY A 199 4.72 6.95 0.64
CA GLY A 199 4.46 7.25 2.05
C GLY A 199 5.20 6.38 3.03
N TYR A 200 5.91 5.38 2.50
CA TYR A 200 6.66 4.41 3.27
C TYR A 200 8.15 4.59 3.12
N VAL A 201 8.90 3.89 3.98
CA VAL A 201 10.36 3.92 3.93
C VAL A 201 10.88 2.58 4.41
N LYS A 202 11.95 2.08 3.79
CA LYS A 202 12.59 0.86 4.26
C LYS A 202 13.75 1.33 5.10
N ILE A 203 13.79 0.96 6.35
CA ILE A 203 14.88 1.33 7.24
C ILE A 203 15.77 0.14 7.54
N ALA A 204 17.10 0.31 7.33
CA ALA A 204 18.08 -0.75 7.55
C ALA A 204 17.76 -1.52 8.82
N LYS A 205 17.71 -2.84 8.69
CA LYS A 205 17.38 -3.68 9.83
C LYS A 205 18.55 -4.57 10.29
N ASP A 206 18.60 -4.84 11.59
CA ASP A 206 19.64 -5.63 12.23
C ASP A 206 21.02 -4.98 11.98
N LYS A 207 21.05 -3.64 11.96
CA LYS A 207 22.28 -2.87 11.78
C LYS A 207 22.40 -1.97 13.00
N ASN A 208 22.47 -2.62 14.14
CA ASN A 208 22.58 -1.97 15.42
C ASN A 208 21.47 -1.03 15.76
N ASN A 209 20.21 -1.48 15.66
CA ASN A 209 19.08 -0.64 16.04
C ASN A 209 19.15 0.74 15.31
N HIS A 210 19.24 0.69 13.99
CA HIS A 210 19.37 1.91 13.22
C HIS A 210 18.23 2.91 13.38
N CYS A 211 18.59 4.17 13.73
CA CYS A 211 17.65 5.27 13.92
C CYS A 211 16.76 5.05 15.12
N GLY A 212 17.12 4.08 15.97
CA GLY A 212 16.38 3.82 17.21
C GLY A 212 15.05 3.09 17.08
N ILE A 213 14.79 2.52 15.91
CA ILE A 213 13.52 1.82 15.66
C ILE A 213 13.01 0.86 16.76
N ALA A 214 13.92 0.15 17.41
CA ALA A 214 13.51 -0.77 18.45
C ALA A 214 13.79 -0.18 19.85
N THR A 215 14.11 1.12 19.91
CA THR A 215 14.35 1.70 21.21
C THR A 215 13.06 1.85 22.01
N ALA A 216 11.93 2.18 21.36
CA ALA A 216 10.70 2.40 22.13
C ALA A 216 9.42 1.94 21.38
N ALA A 217 9.31 0.63 21.18
CA ALA A 217 8.20 0.08 20.43
C ALA A 217 7.13 -0.43 21.35
N SER A 218 5.87 -0.31 20.93
CA SER A 218 4.80 -0.80 21.76
C SER A 218 3.61 -1.01 20.87
N TYR A 219 2.62 -1.70 21.39
CA TYR A 219 1.38 -1.93 20.65
C TYR A 219 0.25 -2.05 21.65
N PRO A 220 -0.96 -1.65 21.26
CA PRO A 220 -2.15 -1.73 22.14
C PRO A 220 -2.68 -3.16 22.30
N ASN A 221 -3.30 -3.47 23.44
CA ASN A 221 -3.91 -4.77 23.70
C ASN A 221 -5.42 -4.54 23.63
N VAL A 222 -6.10 -5.13 22.63
CA VAL A 222 -7.52 -4.94 22.41
C VAL A 222 -8.29 -6.18 22.85
N LEU B 2 -18.74 13.31 -14.06
CA LEU B 2 -17.62 12.55 -13.50
C LEU B 2 -16.61 13.43 -12.79
N PRO B 3 -15.98 12.97 -11.71
CA PRO B 3 -14.99 13.81 -11.00
C PRO B 3 -13.83 14.20 -11.92
N LYS B 4 -13.07 15.25 -11.57
CA LYS B 4 -11.97 15.69 -12.40
C LYS B 4 -10.71 14.87 -12.12
N SER B 5 -10.74 14.07 -11.06
CA SER B 5 -9.63 13.19 -10.77
C SER B 5 -10.04 12.08 -9.84
N VAL B 6 -9.29 10.97 -9.86
CA VAL B 6 -9.59 9.80 -9.04
C VAL B 6 -8.29 9.15 -8.66
N ASP B 7 -8.25 8.59 -7.45
CA ASP B 7 -7.10 7.87 -6.96
C ASP B 7 -7.60 6.79 -6.00
N TRP B 8 -7.84 5.59 -6.50
CA TRP B 8 -8.31 4.51 -5.62
C TRP B 8 -7.34 4.07 -4.52
N ARG B 9 -6.07 4.52 -4.60
CA ARG B 9 -5.12 4.18 -3.54
C ARG B 9 -5.56 4.86 -2.24
N LYS B 10 -6.13 6.04 -2.35
CA LYS B 10 -6.58 6.76 -1.15
C LYS B 10 -7.81 6.13 -0.46
N LYS B 11 -8.45 5.18 -1.15
CA LYS B 11 -9.67 4.56 -0.64
C LYS B 11 -9.49 3.15 -0.20
N GLY B 12 -8.26 2.64 -0.27
CA GLY B 12 -8.00 1.31 0.24
C GLY B 12 -8.13 0.18 -0.76
N TYR B 13 -8.21 0.51 -2.07
CA TYR B 13 -8.37 -0.53 -3.10
C TYR B 13 -7.07 -1.16 -3.63
N VAL B 14 -5.91 -0.57 -3.32
CA VAL B 14 -4.68 -1.04 -3.96
C VAL B 14 -3.59 -1.56 -3.01
N THR B 15 -3.06 -2.78 -3.28
CA THR B 15 -1.97 -3.32 -2.49
C THR B 15 -0.66 -2.62 -2.89
N PRO B 16 0.42 -2.87 -2.15
CA PRO B 16 1.68 -2.23 -2.51
C PRO B 16 2.18 -2.64 -3.89
N VAL B 17 3.16 -1.88 -4.40
CA VAL B 17 3.80 -2.21 -5.67
C VAL B 17 4.55 -3.53 -5.59
N LYS B 18 4.30 -4.39 -6.53
CA LYS B 18 4.96 -5.66 -6.58
C LYS B 18 6.02 -5.69 -7.66
N ASN B 19 6.76 -6.82 -7.77
CA ASN B 19 7.82 -6.90 -8.76
C ASN B 19 7.79 -8.25 -9.44
N GLN B 20 7.46 -8.24 -10.71
CA GLN B 20 7.37 -9.46 -11.51
C GLN B 20 8.77 -10.05 -11.75
N LYS B 21 9.82 -9.22 -11.63
CA LYS B 21 11.20 -9.64 -11.87
C LYS B 21 11.39 -10.31 -13.26
N GLN B 22 12.26 -11.31 -13.36
CA GLN B 22 12.54 -11.91 -14.68
C GLN B 22 11.57 -12.94 -15.17
N CYS B 23 10.35 -12.50 -15.36
CA CYS B 23 9.26 -13.39 -15.77
C CYS B 23 8.19 -12.57 -16.50
N GLY B 24 7.78 -13.01 -17.72
CA GLY B 24 6.79 -12.29 -18.52
C GLY B 24 5.40 -12.43 -17.96
N SER B 25 5.23 -11.94 -16.73
CA SER B 25 3.96 -12.14 -16.07
C SER B 25 3.21 -10.87 -15.72
N SER B 26 3.44 -9.77 -16.47
CA SER B 26 2.72 -8.54 -16.16
C SER B 26 1.22 -8.79 -16.22
N TRP B 27 0.80 -9.69 -17.12
CA TRP B 27 -0.60 -9.99 -17.24
C TRP B 27 -1.18 -10.49 -15.92
N ALA B 28 -0.46 -11.37 -15.22
CA ALA B 28 -0.95 -11.88 -13.95
C ALA B 28 -1.03 -10.77 -12.84
N PHE B 29 -0.06 -9.82 -12.84
CA PHE B 29 -0.07 -8.72 -11.87
C PHE B 29 -1.21 -7.78 -12.15
N SER B 30 -1.42 -7.47 -13.43
CA SER B 30 -2.51 -6.58 -13.76
C SER B 30 -3.84 -7.25 -13.34
N ALA B 31 -3.98 -8.59 -13.57
CA ALA B 31 -5.22 -9.29 -13.20
C ALA B 31 -5.40 -9.32 -11.67
N THR B 32 -4.33 -9.67 -10.90
CA THR B 32 -4.53 -9.66 -9.43
C THR B 32 -4.85 -8.26 -8.94
N GLY B 33 -4.23 -7.20 -9.51
CA GLY B 33 -4.53 -5.83 -9.11
C GLY B 33 -6.00 -5.51 -9.26
N ALA B 34 -6.60 -5.87 -10.41
CA ALA B 34 -8.00 -5.56 -10.61
C ALA B 34 -8.87 -6.37 -9.67
N LEU B 35 -8.51 -7.65 -9.49
CA LEU B 35 -9.29 -8.51 -8.62
C LEU B 35 -9.16 -8.09 -7.14
N GLU B 36 -7.97 -7.55 -6.73
CA GLU B 36 -7.81 -7.08 -5.37
C GLU B 36 -8.72 -5.91 -5.19
N GLY B 37 -8.83 -5.00 -6.20
CA GLY B 37 -9.71 -3.87 -6.00
C GLY B 37 -11.17 -4.28 -5.91
N GLN B 38 -11.61 -5.23 -6.77
CA GLN B 38 -13.01 -5.68 -6.74
C GLN B 38 -13.40 -6.45 -5.48
N MET B 39 -12.52 -7.33 -5.01
CA MET B 39 -12.81 -8.06 -3.80
C MET B 39 -12.85 -7.09 -2.62
N PHE B 40 -12.00 -6.06 -2.68
CA PHE B 40 -12.01 -5.07 -1.62
C PHE B 40 -13.37 -4.38 -1.56
N ARG B 41 -13.85 -3.90 -2.69
CA ARG B 41 -15.14 -3.26 -2.70
C ARG B 41 -16.28 -4.13 -2.15
N LYS B 42 -16.17 -5.42 -2.35
CA LYS B 42 -17.23 -6.30 -1.90
C LYS B 42 -17.12 -6.73 -0.46
N THR B 43 -15.90 -6.77 0.09
CA THR B 43 -15.75 -7.28 1.44
C THR B 43 -15.08 -6.34 2.41
N GLY B 44 -14.53 -5.21 1.95
CA GLY B 44 -13.86 -4.32 2.89
C GLY B 44 -12.50 -4.84 3.33
N LYS B 45 -12.06 -5.94 2.69
CA LYS B 45 -10.76 -6.55 3.03
C LYS B 45 -9.82 -6.49 1.86
N LEU B 46 -8.65 -5.90 2.08
CA LEU B 46 -7.68 -5.77 1.01
C LEU B 46 -6.70 -6.89 1.18
N VAL B 47 -6.72 -7.89 0.28
CA VAL B 47 -5.84 -9.06 0.41
C VAL B 47 -5.09 -9.35 -0.87
N SER B 48 -3.77 -9.30 -0.79
CA SER B 48 -2.89 -9.56 -1.90
C SER B 48 -3.11 -10.99 -2.47
N LEU B 49 -3.32 -11.05 -3.79
CA LEU B 49 -3.61 -12.29 -4.48
C LEU B 49 -2.39 -12.89 -5.11
N SER B 50 -2.43 -14.20 -5.34
CA SER B 50 -1.33 -14.94 -5.92
C SER B 50 -1.09 -14.90 -7.43
N GLU B 51 -0.08 -14.12 -7.87
CA GLU B 51 0.30 -14.11 -9.27
C GLU B 51 0.84 -15.46 -9.64
N GLN B 52 1.56 -16.09 -8.68
CA GLN B 52 2.15 -17.39 -8.98
C GLN B 52 1.09 -18.45 -9.31
N ASN B 53 -0.02 -18.43 -8.57
CA ASN B 53 -1.16 -19.34 -8.76
C ASN B 53 -1.58 -19.21 -10.25
N LEU B 54 -1.73 -17.95 -10.71
CA LEU B 54 -2.08 -17.67 -12.12
C LEU B 54 -1.01 -18.14 -13.10
N VAL B 55 0.26 -17.83 -12.82
CA VAL B 55 1.37 -18.25 -13.71
C VAL B 55 1.40 -19.78 -13.84
N ASP B 56 1.25 -20.47 -12.71
CA ASP B 56 1.36 -21.92 -12.68
C ASP B 56 0.17 -22.71 -13.15
N CYS B 57 -1.04 -22.15 -12.97
CA CYS B 57 -2.27 -22.89 -13.26
C CYS B 57 -3.14 -22.49 -14.43
N SER B 58 -2.94 -21.33 -15.04
CA SER B 58 -3.87 -20.96 -16.10
C SER B 58 -3.48 -21.28 -17.54
N ARG B 59 -2.65 -22.30 -17.72
CA ARG B 59 -2.27 -22.66 -19.07
C ARG B 59 -3.47 -23.24 -19.82
N PRO B 60 -4.42 -23.95 -19.15
CA PRO B 60 -5.58 -24.49 -19.85
C PRO B 60 -6.37 -23.38 -20.50
N GLN B 61 -6.40 -22.18 -19.86
CA GLN B 61 -7.15 -21.06 -20.40
C GLN B 61 -6.41 -20.28 -21.48
N GLY B 62 -5.21 -20.76 -21.84
CA GLY B 62 -4.45 -20.11 -22.89
C GLY B 62 -3.35 -19.20 -22.40
N ASN B 63 -3.15 -19.07 -21.07
CA ASN B 63 -2.00 -18.25 -20.66
C ASN B 63 -0.77 -19.05 -20.83
N GLN B 64 0.39 -18.42 -20.80
CA GLN B 64 1.66 -19.10 -20.98
C GLN B 64 2.69 -18.76 -19.92
N GLY B 65 2.19 -18.54 -18.71
CA GLY B 65 3.05 -18.25 -17.56
C GLY B 65 4.07 -17.16 -17.80
N CYS B 66 5.37 -17.47 -17.59
CA CYS B 66 6.42 -16.48 -17.76
C CYS B 66 6.62 -16.14 -19.23
N ASN B 67 5.87 -16.79 -20.18
CA ASN B 67 6.05 -16.42 -21.59
C ASN B 67 4.98 -15.47 -22.08
N GLY B 68 4.03 -15.13 -21.20
CA GLY B 68 3.01 -14.16 -21.56
C GLY B 68 1.62 -14.65 -21.26
N GLY B 69 0.66 -13.74 -21.36
CA GLY B 69 -0.69 -14.13 -21.03
C GLY B 69 -1.60 -12.94 -21.15
N PHE B 70 -2.86 -13.13 -20.79
CA PHE B 70 -3.87 -12.09 -20.91
C PHE B 70 -4.65 -11.97 -19.64
N MET B 71 -4.91 -10.73 -19.23
CA MET B 71 -5.69 -10.54 -18.02
C MET B 71 -7.03 -11.24 -18.16
N ALA B 72 -7.64 -11.16 -19.34
CA ALA B 72 -8.95 -11.82 -19.45
C ALA B 72 -8.86 -13.31 -19.26
N ARG B 73 -7.82 -13.92 -19.77
CA ARG B 73 -7.74 -15.36 -19.60
C ARG B 73 -7.52 -15.67 -18.16
N ALA B 74 -6.90 -14.76 -17.45
CA ALA B 74 -6.69 -14.99 -16.04
C ALA B 74 -7.97 -14.97 -15.32
N PHE B 75 -8.81 -14.01 -15.62
CA PHE B 75 -10.06 -14.00 -14.89
C PHE B 75 -10.87 -15.21 -15.29
N GLN B 76 -10.70 -15.67 -16.52
CA GLN B 76 -11.46 -16.83 -16.94
C GLN B 76 -11.12 -17.95 -16.05
N TYR B 77 -9.84 -18.13 -15.80
CA TYR B 77 -9.39 -19.19 -14.93
C TYR B 77 -9.93 -19.12 -13.56
N VAL B 78 -9.97 -17.96 -12.99
CA VAL B 78 -10.49 -17.86 -11.62
C VAL B 78 -11.90 -18.36 -11.64
N LYS B 79 -12.60 -18.03 -12.70
CA LYS B 79 -13.97 -18.45 -12.81
C LYS B 79 -14.06 -19.94 -12.97
N GLU B 80 -13.28 -20.51 -13.86
CA GLU B 80 -13.39 -21.94 -14.08
C GLU B 80 -12.87 -22.74 -12.91
N ASN B 81 -11.93 -22.18 -12.20
CA ASN B 81 -11.34 -22.84 -11.06
C ASN B 81 -12.14 -22.68 -9.78
N GLY B 82 -13.04 -21.70 -9.74
CA GLY B 82 -13.83 -21.49 -8.53
C GLY B 82 -13.05 -20.79 -7.44
N GLY B 83 -11.82 -20.32 -7.75
CA GLY B 83 -11.02 -19.65 -6.73
C GLY B 83 -9.63 -19.22 -7.18
N LEU B 84 -8.95 -18.54 -6.28
CA LEU B 84 -7.62 -17.99 -6.49
C LEU B 84 -7.04 -17.79 -5.12
N ASP B 85 -5.89 -18.36 -4.88
CA ASP B 85 -5.27 -18.29 -3.55
C ASP B 85 -4.62 -16.96 -3.25
N SER B 86 -4.40 -16.71 -1.97
CA SER B 86 -3.74 -15.50 -1.53
C SER B 86 -2.22 -15.58 -1.80
N GLU B 87 -1.59 -14.44 -1.97
CA GLU B 87 -0.16 -14.40 -2.14
C GLU B 87 0.51 -15.00 -0.91
N GLU B 88 0.00 -14.73 0.30
CA GLU B 88 0.64 -15.31 1.49
C GLU B 88 0.70 -16.86 1.43
N SER B 89 -0.36 -17.51 0.96
CA SER B 89 -0.32 -18.96 0.93
C SER B 89 0.41 -19.54 -0.30
N TYR B 90 0.49 -18.77 -1.37
CA TYR B 90 1.06 -19.23 -2.64
C TYR B 90 1.98 -18.12 -3.14
N PRO B 91 3.19 -18.03 -2.56
CA PRO B 91 4.15 -16.98 -2.94
C PRO B 91 4.75 -16.99 -4.32
N TYR B 92 5.18 -15.79 -4.71
CA TYR B 92 5.70 -15.56 -6.03
C TYR B 92 7.19 -15.78 -6.12
N VAL B 93 7.62 -16.65 -7.05
CA VAL B 93 9.03 -16.94 -7.24
C VAL B 93 9.52 -16.60 -8.66
N ALA B 94 8.63 -16.02 -9.49
CA ALA B 94 9.02 -15.56 -10.81
C ALA B 94 9.55 -16.61 -11.78
N VAL B 95 9.04 -17.84 -11.71
CA VAL B 95 9.43 -18.91 -12.64
C VAL B 95 8.21 -19.75 -12.84
N ASP B 96 8.11 -20.42 -13.99
CA ASP B 96 6.99 -21.29 -14.26
C ASP B 96 7.07 -22.48 -13.38
N GLU B 97 6.03 -22.78 -12.62
CA GLU B 97 6.09 -23.97 -11.78
C GLU B 97 4.84 -24.81 -11.81
N ILE B 98 4.89 -25.98 -11.15
CA ILE B 98 3.76 -26.89 -11.17
C ILE B 98 2.68 -26.33 -10.34
N CYS B 99 1.44 -26.39 -10.84
CA CYS B 99 0.25 -25.92 -10.14
C CYS B 99 0.12 -26.45 -8.72
N LYS B 100 -0.09 -25.55 -7.73
CA LYS B 100 -0.23 -26.01 -6.36
C LYS B 100 -1.49 -25.50 -5.78
N TYR B 101 -2.43 -25.12 -6.64
CA TYR B 101 -3.66 -24.56 -6.13
C TYR B 101 -4.38 -25.41 -5.12
N ARG B 102 -4.93 -24.79 -4.07
CA ARG B 102 -5.70 -25.51 -3.06
C ARG B 102 -6.93 -24.70 -2.77
N PRO B 103 -8.14 -25.31 -2.87
CA PRO B 103 -9.38 -24.60 -2.60
C PRO B 103 -9.46 -23.97 -1.23
N GLU B 104 -8.81 -24.61 -0.24
CA GLU B 104 -8.83 -24.14 1.15
C GLU B 104 -8.19 -22.77 1.28
N ASN B 105 -7.25 -22.47 0.41
CA ASN B 105 -6.56 -21.19 0.53
C ASN B 105 -7.10 -20.10 -0.33
N SER B 106 -8.22 -20.38 -1.00
CA SER B 106 -8.79 -19.39 -1.89
C SER B 106 -9.36 -18.23 -1.11
N VAL B 107 -9.21 -17.01 -1.64
CA VAL B 107 -9.72 -15.81 -0.98
C VAL B 107 -10.37 -14.89 -2.01
N ALA B 108 -10.53 -15.39 -3.23
CA ALA B 108 -11.13 -14.62 -4.30
C ALA B 108 -11.83 -15.50 -5.33
N GLN B 109 -12.90 -14.94 -5.89
CA GLN B 109 -13.75 -15.55 -6.92
C GLN B 109 -14.23 -14.49 -7.92
N ASP B 110 -14.55 -14.93 -9.15
CA ASP B 110 -15.16 -14.07 -10.16
C ASP B 110 -16.03 -14.92 -11.10
N THR B 111 -17.00 -14.28 -11.76
CA THR B 111 -17.92 -15.01 -12.63
C THR B 111 -17.61 -14.71 -14.09
N GLY B 112 -16.47 -14.06 -14.33
CA GLY B 112 -16.10 -13.66 -15.67
C GLY B 112 -15.63 -12.22 -15.62
N PHE B 113 -15.66 -11.52 -16.77
CA PHE B 113 -15.18 -10.15 -16.81
C PHE B 113 -15.97 -9.27 -17.77
N THR B 114 -15.79 -7.95 -17.63
CA THR B 114 -16.44 -6.96 -18.45
C THR B 114 -15.39 -6.26 -19.29
N VAL B 115 -15.70 -6.06 -20.58
CA VAL B 115 -14.79 -5.37 -21.45
C VAL B 115 -15.15 -3.91 -21.64
N VAL B 116 -14.15 -3.02 -21.51
CA VAL B 116 -14.38 -1.59 -21.73
C VAL B 116 -14.32 -1.29 -23.25
N ALA B 117 -15.19 -0.37 -23.73
CA ALA B 117 -15.28 0.01 -25.15
C ALA B 117 -13.90 0.25 -25.70
N PRO B 118 -13.47 -0.66 -26.58
CA PRO B 118 -12.15 -0.58 -27.20
C PRO B 118 -11.75 0.72 -27.86
N GLY B 119 -10.70 1.34 -27.30
CA GLY B 119 -10.20 2.58 -27.87
C GLY B 119 -10.89 3.80 -27.33
N LYS B 120 -11.92 3.64 -26.53
CA LYS B 120 -12.60 4.82 -26.04
C LYS B 120 -12.14 5.23 -24.65
N GLU B 121 -11.33 6.30 -24.62
CA GLU B 121 -10.77 6.86 -23.39
C GLU B 121 -11.83 7.43 -22.45
N LYS B 122 -13.04 7.75 -22.96
CA LYS B 122 -14.04 8.23 -22.03
C LYS B 122 -14.78 7.06 -21.44
N ALA B 123 -14.83 5.95 -22.18
CA ALA B 123 -15.47 4.78 -21.61
C ALA B 123 -14.57 4.34 -20.45
N LEU B 124 -13.25 4.39 -20.66
CA LEU B 124 -12.31 4.02 -19.63
C LEU B 124 -12.42 4.95 -18.45
N MET B 125 -12.52 6.25 -18.72
CA MET B 125 -12.64 7.21 -17.62
C MET B 125 -13.86 6.89 -16.76
N LYS B 126 -14.96 6.49 -17.41
CA LYS B 126 -16.18 6.17 -16.69
C LYS B 126 -16.01 4.93 -15.85
N ALA B 127 -15.35 3.91 -16.40
CA ALA B 127 -15.16 2.68 -15.66
C ALA B 127 -14.26 2.94 -14.46
N VAL B 128 -13.12 3.63 -14.67
CA VAL B 128 -12.25 3.93 -13.52
C VAL B 128 -13.01 4.65 -12.41
N ALA B 129 -13.73 5.71 -12.80
CA ALA B 129 -14.50 6.48 -11.83
C ALA B 129 -15.58 5.64 -11.13
N THR B 130 -16.12 4.62 -11.79
CA THR B 130 -17.22 3.92 -11.12
C THR B 130 -16.99 2.50 -10.68
N VAL B 131 -16.03 1.82 -11.25
CA VAL B 131 -15.80 0.44 -10.84
C VAL B 131 -14.68 0.28 -9.81
N GLY B 132 -13.55 0.90 -10.12
CA GLY B 132 -12.37 0.79 -9.30
C GLY B 132 -11.20 0.63 -10.25
N PRO B 133 -10.05 0.10 -9.77
CA PRO B 133 -8.89 -0.10 -10.65
C PRO B 133 -9.20 -0.97 -11.87
N ILE B 134 -8.64 -0.66 -13.02
CA ILE B 134 -8.95 -1.41 -14.22
C ILE B 134 -7.71 -1.99 -14.86
N SER B 135 -7.78 -3.26 -15.28
CA SER B 135 -6.65 -3.87 -16.02
C SER B 135 -6.60 -3.34 -17.46
N VAL B 136 -5.43 -2.88 -17.92
CA VAL B 136 -5.24 -2.41 -19.29
C VAL B 136 -3.91 -2.93 -19.85
N ALA B 137 -3.80 -2.97 -21.17
CA ALA B 137 -2.54 -3.37 -21.77
C ALA B 137 -1.98 -2.09 -22.38
N MET B 138 -0.67 -2.05 -22.54
CA MET B 138 -0.05 -0.88 -23.12
C MET B 138 1.18 -1.23 -23.92
N ASP B 139 1.65 -0.27 -24.70
CA ASP B 139 2.88 -0.49 -25.43
C ASP B 139 3.93 0.14 -24.54
N ALA B 140 4.69 -0.72 -23.85
CA ALA B 140 5.73 -0.29 -22.92
C ALA B 140 7.12 -0.56 -23.49
N GLY B 141 7.21 -0.94 -24.79
CA GLY B 141 8.50 -1.28 -25.36
C GLY B 141 9.37 -0.14 -25.83
N HIS B 142 9.57 0.85 -24.97
CA HIS B 142 10.42 1.98 -25.35
C HIS B 142 11.37 2.24 -24.24
N SER B 143 12.61 2.60 -24.59
CA SER B 143 13.56 2.90 -23.56
C SER B 143 13.11 4.09 -22.73
N SER B 144 12.31 5.03 -23.31
CA SER B 144 11.87 6.18 -22.50
C SER B 144 10.98 5.70 -21.33
N PHE B 145 10.30 4.54 -21.48
CA PHE B 145 9.46 3.96 -20.41
C PHE B 145 10.30 3.23 -19.39
N GLN B 146 11.30 2.49 -19.90
CA GLN B 146 12.18 1.78 -19.00
C GLN B 146 12.82 2.72 -18.01
N PHE B 147 13.21 3.90 -18.51
CA PHE B 147 13.90 4.88 -17.66
C PHE B 147 13.08 6.02 -17.17
N TYR B 148 11.77 5.88 -17.28
CA TYR B 148 10.83 6.90 -16.80
C TYR B 148 11.04 7.19 -15.31
N LYS B 149 10.91 8.46 -14.91
CA LYS B 149 11.05 8.80 -13.51
C LYS B 149 9.90 9.67 -13.01
N SER B 150 9.50 10.72 -13.73
CA SER B 150 8.38 11.52 -13.21
C SER B 150 7.69 12.31 -14.29
N GLY B 151 6.60 12.96 -13.93
CA GLY B 151 5.90 13.78 -14.90
C GLY B 151 4.97 12.96 -15.75
N ILE B 152 4.47 13.60 -16.79
CA ILE B 152 3.53 12.92 -17.65
C ILE B 152 4.26 12.28 -18.77
N TYR B 153 4.12 10.96 -18.88
CA TYR B 153 4.77 10.19 -19.91
C TYR B 153 4.13 10.34 -21.28
N PHE B 154 4.96 10.74 -22.26
CA PHE B 154 4.51 10.86 -23.63
C PHE B 154 5.66 10.44 -24.55
N GLU B 155 5.44 9.42 -25.34
CA GLU B 155 6.47 8.90 -26.20
C GLU B 155 5.94 8.86 -27.63
N PRO B 156 6.49 9.69 -28.50
CA PRO B 156 6.08 9.74 -29.91
C PRO B 156 6.03 8.40 -30.63
N ASP B 157 6.96 7.49 -30.36
CA ASP B 157 6.95 6.20 -31.05
C ASP B 157 5.93 5.24 -30.45
N CYS B 158 5.20 5.67 -29.39
CA CYS B 158 4.25 4.76 -28.72
C CYS B 158 3.12 4.31 -29.60
N SER B 159 2.80 2.99 -29.60
CA SER B 159 1.74 2.48 -30.44
C SER B 159 0.45 2.31 -29.62
N SER B 160 -0.69 2.56 -30.24
CA SER B 160 -1.87 2.34 -29.43
C SER B 160 -2.56 1.07 -29.84
N LYS B 161 -1.87 0.21 -30.59
CA LYS B 161 -2.46 -1.01 -31.10
C LYS B 161 -1.59 -2.21 -30.89
N ASN B 162 -0.28 -2.01 -31.00
CA ASN B 162 0.66 -3.11 -30.78
C ASN B 162 1.09 -3.03 -29.32
N LEU B 163 0.42 -3.80 -28.45
CA LEU B 163 0.65 -3.80 -27.01
C LEU B 163 1.43 -4.99 -26.49
N ASP B 164 2.23 -4.76 -25.46
CA ASP B 164 3.05 -5.87 -24.97
C ASP B 164 3.13 -5.94 -23.45
N HIS B 165 2.37 -5.09 -22.73
CA HIS B 165 2.53 -5.07 -21.27
C HIS B 165 1.24 -4.74 -20.51
N GLY B 166 0.92 -5.58 -19.53
CA GLY B 166 -0.29 -5.37 -18.76
C GLY B 166 0.01 -4.58 -17.51
N VAL B 167 -0.84 -3.57 -17.22
CA VAL B 167 -0.69 -2.70 -16.06
C VAL B 167 -2.02 -2.43 -15.43
N LEU B 168 -2.08 -1.50 -14.47
CA LEU B 168 -3.31 -1.25 -13.76
C LEU B 168 -3.60 0.20 -13.59
N VAL B 169 -4.75 0.64 -14.13
CA VAL B 169 -5.12 2.05 -14.01
C VAL B 169 -5.82 2.18 -12.69
N VAL B 170 -5.23 2.94 -11.76
CA VAL B 170 -5.83 3.15 -10.42
C VAL B 170 -6.45 4.54 -10.29
N GLY B 171 -6.51 5.29 -11.38
CA GLY B 171 -7.08 6.62 -11.33
C GLY B 171 -6.69 7.48 -12.50
N TYR B 172 -6.98 8.78 -12.39
CA TYR B 172 -6.64 9.74 -13.43
C TYR B 172 -6.66 11.10 -12.79
N GLY B 173 -6.15 12.08 -13.50
CA GLY B 173 -6.10 13.41 -12.93
C GLY B 173 -5.48 14.38 -13.91
N PHE B 174 -4.94 15.45 -13.36
CA PHE B 174 -4.35 16.49 -14.19
C PHE B 174 -3.33 17.28 -13.42
N GLU B 175 -2.48 17.97 -14.13
CA GLU B 175 -1.48 18.84 -13.55
C GLU B 175 -1.89 20.24 -13.91
N GLY B 176 -1.52 21.21 -13.08
CA GLY B 176 -1.90 22.59 -13.35
C GLY B 176 -3.27 22.93 -12.80
N ALA B 177 -3.64 24.20 -12.74
CA ALA B 177 -4.96 24.44 -12.18
C ALA B 177 -6.04 24.10 -13.14
N ASN B 178 -5.73 24.03 -14.43
CA ASN B 178 -6.82 23.70 -15.33
C ASN B 178 -7.05 22.24 -15.54
N SER B 179 -8.21 21.78 -15.06
CA SER B 179 -8.62 20.41 -15.16
C SER B 179 -8.77 19.93 -16.55
N GLN B 180 -8.22 20.63 -17.52
CA GLN B 180 -8.38 20.05 -18.83
C GLN B 180 -7.15 20.03 -19.63
N ASN B 181 -6.04 20.50 -19.09
CA ASN B 181 -4.81 20.28 -19.84
C ASN B 181 -3.90 19.53 -18.94
N SER B 182 -3.03 18.75 -19.52
CA SER B 182 -2.11 17.94 -18.77
C SER B 182 -2.81 16.91 -18.04
N LYS B 183 -3.71 16.27 -18.69
CA LYS B 183 -4.42 15.21 -18.04
C LYS B 183 -3.60 13.94 -18.17
N TYR B 184 -3.85 12.99 -17.29
CA TYR B 184 -3.08 11.74 -17.32
C TYR B 184 -3.81 10.60 -16.68
N TRP B 185 -3.35 9.41 -16.97
CA TRP B 185 -3.88 8.20 -16.36
C TRP B 185 -2.93 7.84 -15.25
N LEU B 186 -3.44 7.43 -14.08
CA LEU B 186 -2.57 7.06 -12.96
C LEU B 186 -2.40 5.55 -13.04
N VAL B 187 -1.18 5.09 -13.36
CA VAL B 187 -0.92 3.67 -13.61
C VAL B 187 0.05 2.99 -12.67
N LYS B 188 -0.38 1.85 -12.14
CA LYS B 188 0.46 1.03 -11.29
C LYS B 188 1.19 -0.03 -12.14
N ASN B 189 2.53 -0.08 -12.04
CA ASN B 189 3.34 -1.06 -12.79
C ASN B 189 3.71 -2.22 -11.85
N SER B 190 4.39 -3.25 -12.37
CA SER B 190 4.82 -4.40 -11.57
C SER B 190 6.31 -4.60 -11.76
N TRP B 191 7.06 -3.50 -11.74
CA TRP B 191 8.48 -3.53 -11.86
C TRP B 191 9.15 -3.08 -10.56
N GLY B 192 8.42 -3.16 -9.40
CA GLY B 192 9.00 -2.77 -8.12
C GLY B 192 8.87 -1.27 -7.87
N PRO B 193 8.92 -0.87 -6.59
CA PRO B 193 8.81 0.49 -6.07
C PRO B 193 9.94 1.40 -6.51
N GLU B 194 11.04 0.79 -6.92
CA GLU B 194 12.21 1.51 -7.38
C GLU B 194 12.11 2.05 -8.80
N TRP B 195 11.35 1.36 -9.65
CA TRP B 195 11.17 1.85 -11.00
C TRP B 195 10.24 3.05 -11.03
N GLY B 196 10.47 3.97 -11.96
CA GLY B 196 9.55 5.08 -12.13
C GLY B 196 9.29 5.98 -10.93
N SER B 197 8.04 6.42 -10.79
CA SER B 197 7.66 7.29 -9.69
C SER B 197 7.19 6.38 -8.56
N ASN B 198 8.17 5.81 -7.82
CA ASN B 198 7.80 4.88 -6.72
C ASN B 198 6.89 3.71 -7.20
N GLY B 199 7.16 3.22 -8.43
CA GLY B 199 6.40 2.10 -8.98
C GLY B 199 5.22 2.44 -9.86
N TYR B 200 4.88 3.74 -9.94
CA TYR B 200 3.74 4.25 -10.69
C TYR B 200 4.17 5.15 -11.84
N VAL B 201 3.22 5.45 -12.73
CA VAL B 201 3.52 6.31 -13.85
C VAL B 201 2.30 7.07 -14.26
N LYS B 202 2.48 8.31 -14.66
CA LYS B 202 1.34 9.05 -15.17
C LYS B 202 1.50 9.02 -16.67
N ILE B 203 0.54 8.44 -17.37
CA ILE B 203 0.54 8.40 -18.83
C ILE B 203 -0.43 9.42 -19.41
N ALA B 204 0.03 10.19 -20.41
CA ALA B 204 -0.80 11.22 -21.06
C ALA B 204 -2.18 10.69 -21.37
N LYS B 205 -3.18 11.45 -20.95
CA LYS B 205 -4.57 11.07 -21.14
C LYS B 205 -5.30 12.01 -22.14
N ASP B 206 -6.20 11.41 -22.92
CA ASP B 206 -6.97 12.07 -23.94
C ASP B 206 -6.05 12.69 -24.97
N LYS B 207 -4.96 11.96 -25.29
CA LYS B 207 -4.05 12.37 -26.33
C LYS B 207 -4.04 11.25 -27.36
N ASN B 208 -5.24 10.86 -27.84
CA ASN B 208 -5.37 9.84 -28.87
C ASN B 208 -5.03 8.43 -28.40
N ASN B 209 -5.51 8.03 -27.23
CA ASN B 209 -5.26 6.72 -26.67
C ASN B 209 -3.74 6.46 -26.65
N HIS B 210 -3.00 7.34 -26.01
CA HIS B 210 -1.55 7.24 -25.98
C HIS B 210 -1.07 5.93 -25.39
N CYS B 211 -0.19 5.20 -26.13
CA CYS B 211 0.31 3.90 -25.71
C CYS B 211 -0.77 2.80 -25.60
N GLY B 212 -1.99 3.02 -26.18
CA GLY B 212 -3.04 1.99 -26.19
C GLY B 212 -3.80 1.66 -24.91
N ILE B 213 -3.70 2.53 -23.89
CA ILE B 213 -4.35 2.33 -22.58
C ILE B 213 -5.80 1.93 -22.65
N ALA B 214 -6.56 2.44 -23.62
CA ALA B 214 -7.97 2.09 -23.67
C ALA B 214 -8.25 1.04 -24.72
N THR B 215 -7.20 0.51 -25.34
CA THR B 215 -7.39 -0.49 -26.39
C THR B 215 -7.92 -1.84 -25.90
N ALA B 216 -7.42 -2.33 -24.75
CA ALA B 216 -7.85 -3.63 -24.21
C ALA B 216 -7.96 -3.56 -22.70
N ALA B 217 -8.98 -2.85 -22.21
CA ALA B 217 -9.22 -2.68 -20.79
C ALA B 217 -10.34 -3.57 -20.33
N SER B 218 -10.23 -4.06 -19.12
CA SER B 218 -11.23 -4.94 -18.55
C SER B 218 -11.13 -5.05 -17.05
N TYR B 219 -12.16 -5.66 -16.44
CA TYR B 219 -12.16 -5.87 -15.00
C TYR B 219 -12.96 -7.12 -14.63
N PRO B 220 -12.64 -7.81 -13.51
CA PRO B 220 -13.39 -9.02 -13.14
C PRO B 220 -14.75 -8.74 -12.54
N ASN B 221 -15.69 -9.70 -12.63
CA ASN B 221 -17.00 -9.51 -12.04
C ASN B 221 -17.06 -10.34 -10.79
N VAL B 222 -17.29 -9.72 -9.62
CA VAL B 222 -17.28 -10.50 -8.40
C VAL B 222 -18.63 -10.54 -7.71
N ALA C 1 8.30 14.47 14.35
CA ALA C 1 8.95 15.44 13.50
C ALA C 1 8.05 15.88 12.31
N LEU C 2 8.26 17.05 11.85
CA LEU C 2 7.49 17.61 10.78
C LEU C 2 8.19 17.55 9.43
N ALA C 3 7.40 17.32 8.36
CA ALA C 3 7.93 17.32 7.00
C ALA C 3 8.45 18.72 6.74
N ALA C 4 9.58 18.84 6.03
CA ALA C 4 10.11 20.17 5.76
C ALA C 4 9.21 20.96 4.82
N GLU D 1 0.36 -11.95 -26.97
CA GLU D 1 0.61 -12.29 -25.58
C GLU D 1 1.47 -11.21 -24.90
N TYR D 2 1.03 -10.72 -23.75
CA TYR D 2 1.82 -9.75 -23.02
C TYR D 2 2.75 -10.10 -21.84
N SER D 3 3.79 -9.29 -21.66
CA SER D 3 4.74 -9.56 -20.59
C SER D 3 5.43 -8.54 -19.63
CL CL E . 5.34 15.02 15.37
C1 MPD F . 9.62 10.89 20.10
C2 MPD F . 8.19 11.28 20.26
O2 MPD F . 7.51 10.08 20.43
CM MPD F . 8.05 12.13 21.50
C3 MPD F . 7.69 11.99 19.03
C4 MPD F . 6.79 13.17 19.23
O4 MPD F . 7.37 14.03 20.17
C5 MPD F . 6.58 13.97 17.98
C1 MPD G . 7.29 -4.48 -21.46
C2 MPD G . 8.34 -5.31 -22.18
O2 MPD G . 7.70 -6.04 -23.23
CM MPD G . 8.98 -6.30 -21.22
C3 MPD G . 9.41 -4.40 -22.79
C4 MPD G . 10.53 -3.91 -21.89
O4 MPD G . 11.30 -2.96 -22.60
C5 MPD G . 9.99 -3.31 -20.62
C1 GOL H . 12.32 -4.77 -15.06
O1 GOL H . 11.33 -5.75 -15.31
C2 GOL H . 13.07 -4.40 -16.32
O2 GOL H . 12.16 -3.93 -17.31
C3 GOL H . 14.15 -3.35 -16.07
O3 GOL H . 15.15 -3.84 -15.19
CL CL I . -6.42 -9.21 -21.66
#